data_5A9W
#
_entry.id   5A9W
#
_cell.length_a   237.554
_cell.length_b   237.554
_cell.length_c   237.554
_cell.angle_alpha   90.00
_cell.angle_beta   90.00
_cell.angle_gamma   90.00
#
_symmetry.space_group_name_H-M   'I 41 3 2'
#
loop_
_entity.id
_entity.type
_entity.pdbx_description
1 polymer 'GTP-BINDING PROTEIN'
2 non-polymer 'PHOSPHOMETHYLPHOSPHONIC ACID GUANYLATE ESTER'
#
_entity_poly.entity_id   1
_entity_poly.type   'polypeptide(L)'
_entity_poly.pdbx_seq_one_letter_code
;MIEKLRNIAIIAHVDHGKTTLVDKLLQQSGTFDSRAETQERVMDSNDLEKERGITILAKNTAIKWNDYRINIVDTPGHAD
FGGEVERVMSMVDSVLLVVDAFDGPMPQTRFVTKKAFAYGLKPIVVINKVDRPGARPDWVVDQVFDLFVNLDATDEQLDF
PIVYASALNGIAGLDHEDMAEDMTPLYQAIVDHVPAPDVDLDGPFQMQISQLDYNSYVGVIGIGRIKRGKVKPNQQVTII
DSEGKTRNAKVGKVLGHLGLERIETDLAEAGDIVAITGLGELNISDTVCDTQNVEALPALSVDEPTVSMFFCVNTSPFCG
KEGKFVTSRQILDRLNKELVHNVALRVEETEDADAFRVSGRGELHLSVLIENMRREGFELAVSRPKVIFREIDGRKQEPY
ENVTLDVEEQHQGSVMQALGERKGDLKNMNPDGKGRVRLDYVIPSRGLIGFRSEFMTMTSGTGLLYSTFSHYDDVRPGEV
GQRQNGVLISNGQGKAVAFALFGLQDRGKLFLGHGAEVYEGQIIGIHSRSNDLTVNCLTGKKLTNMRASGTDEAVVLVPP
IRMTLEQALEFIDDDELVEVTPTSIRIRKRHLTENDRRRANRAPKDD
;
_entity_poly.pdbx_strand_id   A
#
# COMPACT_ATOMS: atom_id res chain seq x y z
N MET A 1 -13.48 -30.26 15.46
CA MET A 1 -12.71 -29.21 16.16
C MET A 1 -13.16 -27.77 15.84
N ILE A 2 -13.70 -27.53 14.64
CA ILE A 2 -14.00 -26.17 14.08
C ILE A 2 -14.94 -25.32 14.93
N GLU A 3 -15.84 -26.00 15.62
CA GLU A 3 -17.06 -25.41 16.14
C GLU A 3 -16.77 -24.60 17.40
N LYS A 4 -15.62 -24.88 18.04
CA LYS A 4 -15.19 -24.24 19.28
C LYS A 4 -14.00 -23.28 19.08
N LEU A 5 -13.88 -22.70 17.88
CA LEU A 5 -12.83 -21.71 17.57
C LEU A 5 -13.39 -20.28 17.66
N ARG A 6 -12.56 -19.37 18.18
CA ARG A 6 -12.99 -18.02 18.55
C ARG A 6 -11.97 -16.97 18.11
N ASN A 7 -12.34 -16.12 17.15
CA ASN A 7 -11.42 -15.13 16.63
C ASN A 7 -11.95 -13.73 16.88
N ILE A 8 -11.20 -12.92 17.65
CA ILE A 8 -11.60 -11.54 18.00
C ILE A 8 -10.48 -10.53 17.95
N ALA A 9 -10.85 -9.26 17.78
CA ALA A 9 -9.92 -8.13 17.84
C ALA A 9 -10.07 -7.41 19.18
N ILE A 10 -9.05 -6.65 19.60
CA ILE A 10 -9.12 -5.81 20.82
C ILE A 10 -9.08 -4.32 20.45
N ILE A 11 -9.61 -3.45 21.31
CA ILE A 11 -9.32 -2.03 21.22
C ILE A 11 -8.99 -1.45 22.59
N ALA A 12 -7.95 -0.63 22.62
CA ALA A 12 -7.61 0.23 23.75
C ALA A 12 -7.09 1.56 23.17
N HIS A 13 -6.32 2.28 23.97
CA HIS A 13 -5.75 3.56 23.53
C HIS A 13 -4.85 4.16 24.61
N VAL A 14 -4.76 5.48 24.61
CA VAL A 14 -3.92 6.18 25.59
C VAL A 14 -4.13 5.63 26.99
N ASP A 15 -5.26 4.97 27.19
CA ASP A 15 -5.58 4.39 28.50
C ASP A 15 -4.80 3.09 28.73
N HIS A 16 -4.03 3.06 29.80
CA HIS A 16 -3.23 1.88 30.14
C HIS A 16 -4.12 0.75 30.65
N GLY A 17 -5.27 0.56 29.99
CA GLY A 17 -6.19 -0.49 30.38
C GLY A 17 -6.37 -1.54 29.29
N LYS A 18 -5.47 -1.53 28.31
CA LYS A 18 -5.52 -2.48 27.22
C LYS A 18 -5.27 -3.90 27.70
N THR A 19 -4.00 -4.30 27.71
CA THR A 19 -3.62 -5.64 28.16
C THR A 19 -2.17 -5.67 28.63
N THR A 20 -1.95 -5.81 29.93
CA THR A 20 -3.01 -5.93 30.93
C THR A 20 -3.91 -7.14 30.68
N LEU A 21 -5.08 -6.90 30.09
CA LEU A 21 -6.03 -7.97 29.79
C LEU A 21 -5.34 -9.21 29.22
N VAL A 22 -4.71 -9.05 28.06
CA VAL A 22 -4.02 -10.16 27.42
C VAL A 22 -3.11 -10.89 28.40
N ASP A 23 -2.26 -10.14 29.10
CA ASP A 23 -1.34 -10.72 30.06
C ASP A 23 -2.08 -11.15 31.33
N LYS A 24 -3.34 -10.75 31.44
CA LYS A 24 -4.16 -11.09 32.60
C LYS A 24 -4.94 -12.37 32.37
N LEU A 25 -5.20 -12.67 31.10
CA LEU A 25 -5.94 -13.88 30.74
C LEU A 25 -5.20 -15.14 31.16
N LEU A 26 -3.90 -14.98 31.46
CA LEU A 26 -3.07 -16.12 31.89
C LEU A 26 -3.72 -17.43 32.35
N GLN A 27 -5.02 -17.45 32.67
CA GLN A 27 -5.75 -18.73 32.94
C GLN A 27 -6.04 -19.56 31.65
N GLN A 28 -4.98 -19.91 30.92
CA GLN A 28 -5.03 -20.38 29.54
C GLN A 28 -4.44 -21.80 29.47
N SER A 29 -3.20 -21.92 28.96
CA SER A 29 -2.59 -23.17 28.54
C SER A 29 -1.25 -23.39 29.29
N GLY A 30 -1.33 -23.40 30.61
CA GLY A 30 -0.20 -23.75 31.47
C GLY A 30 -0.28 -25.23 31.79
N THR A 31 0.25 -26.05 30.88
CA THR A 31 0.13 -27.52 30.98
C THR A 31 1.37 -28.14 31.65
N LEU A 48 10.49 -23.04 14.67
CA LEU A 48 10.88 -21.65 14.90
C LEU A 48 10.24 -21.12 16.18
N GLU A 49 10.44 -19.83 16.43
CA GLU A 49 9.88 -19.18 17.62
C GLU A 49 9.09 -17.93 17.25
N LYS A 50 9.79 -16.95 16.69
CA LYS A 50 9.16 -15.70 16.28
C LYS A 50 7.92 -15.95 15.41
N GLU A 51 7.12 -14.91 15.16
CA GLU A 51 7.36 -13.57 15.68
C GLU A 51 6.53 -13.30 16.93
N ARG A 52 5.21 -13.25 16.75
CA ARG A 52 4.30 -13.00 17.86
C ARG A 52 4.47 -11.58 18.41
N GLY A 53 3.38 -10.81 18.47
CA GLY A 53 2.06 -11.26 18.04
C GLY A 53 0.95 -10.38 18.60
N ILE A 54 -0.26 -10.53 18.08
CA ILE A 54 -0.58 -11.49 17.02
C ILE A 54 -0.39 -12.93 17.51
N THR A 55 -1.32 -13.45 18.31
CA THR A 55 -2.52 -12.71 18.73
C THR A 55 -3.01 -13.20 20.09
N ILE A 56 -2.10 -13.75 20.88
CA ILE A 56 -2.45 -14.25 22.20
C ILE A 56 -3.59 -15.25 22.13
N LEU A 57 -3.33 -16.42 21.56
CA LEU A 57 -4.33 -17.46 21.42
C LEU A 57 -4.43 -18.31 22.69
N ALA A 58 -5.24 -17.86 23.63
CA ALA A 58 -5.43 -18.57 24.90
C ALA A 58 -6.00 -19.96 24.66
N LYS A 59 -6.52 -20.57 25.72
CA LYS A 59 -7.11 -21.91 25.64
C LYS A 59 -8.04 -22.25 26.82
N ASN A 60 -9.21 -21.60 26.90
CA ASN A 60 -10.21 -21.86 27.96
C ASN A 60 -11.02 -23.13 27.68
N THR A 61 -11.36 -23.82 28.78
CA THR A 61 -12.14 -25.05 28.74
C THR A 61 -13.19 -25.06 29.84
N ALA A 62 -12.74 -25.00 31.11
CA ALA A 62 -13.61 -25.04 32.30
C ALA A 62 -13.05 -24.23 33.49
N ASN A 66 -14.42 -27.42 27.34
CA ASN A 66 -13.64 -28.01 26.25
C ASN A 66 -12.65 -27.01 25.68
N ASP A 67 -11.55 -27.54 25.14
CA ASP A 67 -10.52 -26.76 24.44
C ASP A 67 -11.12 -25.73 23.49
N TYR A 68 -11.46 -24.57 24.04
CA TYR A 68 -11.76 -23.42 23.22
C TYR A 68 -10.44 -22.78 22.81
N ARG A 69 -10.21 -22.68 21.51
CA ARG A 69 -9.07 -21.97 20.99
C ARG A 69 -9.52 -20.53 20.70
N ILE A 70 -8.91 -19.56 21.38
CA ILE A 70 -9.33 -18.16 21.29
C ILE A 70 -8.23 -17.24 20.76
N ASN A 71 -8.13 -17.09 19.44
CA ASN A 71 -7.26 -16.04 18.90
C ASN A 71 -7.84 -14.71 19.34
N ILE A 72 -7.11 -13.96 20.15
CA ILE A 72 -7.47 -12.56 20.43
C ILE A 72 -6.53 -11.64 19.64
N VAL A 73 -6.71 -11.61 18.32
CA VAL A 73 -5.82 -10.90 17.38
C VAL A 73 -5.76 -9.41 17.72
N ASP A 74 -4.57 -8.83 17.61
CA ASP A 74 -4.35 -7.48 18.10
C ASP A 74 -4.46 -6.42 17.01
N THR A 75 -5.09 -5.30 17.39
CA THR A 75 -5.49 -4.24 16.47
C THR A 75 -4.61 -3.03 16.71
N PRO A 76 -4.11 -2.40 15.63
CA PRO A 76 -3.31 -1.18 15.82
C PRO A 76 -4.16 0.07 16.15
N GLY A 77 -3.98 0.59 17.37
CA GLY A 77 -4.44 1.94 17.74
C GLY A 77 -3.75 3.03 16.94
N HIS A 78 -2.57 2.72 16.43
CA HIS A 78 -1.93 3.48 15.34
C HIS A 78 -2.73 3.38 14.02
N ALA A 79 -3.21 4.52 13.52
CA ALA A 79 -3.97 4.59 12.25
C ALA A 79 -3.03 4.81 11.05
N ASP A 80 -2.63 3.71 10.40
CA ASP A 80 -1.56 3.71 9.37
C ASP A 80 -2.07 3.83 7.92
N PHE A 81 -1.15 3.85 6.96
CA PHE A 81 -1.50 3.95 5.54
C PHE A 81 -2.24 2.70 5.04
N GLU A 84 -6.23 -1.19 6.41
CA GLU A 84 -5.24 -1.07 7.49
C GLU A 84 -5.65 -1.94 8.68
N VAL A 85 -6.76 -1.57 9.30
CA VAL A 85 -7.34 -2.31 10.40
C VAL A 85 -8.40 -3.25 9.87
N GLU A 86 -9.09 -2.88 8.79
CA GLU A 86 -9.96 -3.83 8.07
C GLU A 86 -9.21 -5.14 7.85
N ARG A 87 -7.96 -5.01 7.40
CA ARG A 87 -7.11 -6.14 7.03
C ARG A 87 -6.75 -7.04 8.22
N VAL A 88 -6.93 -6.57 9.45
CA VAL A 88 -7.05 -7.44 10.63
C VAL A 88 -8.43 -8.10 10.61
N MET A 89 -9.47 -7.29 10.75
CA MET A 89 -10.83 -7.78 11.11
C MET A 89 -11.53 -8.61 10.04
N SER A 90 -11.00 -8.57 8.82
CA SER A 90 -11.31 -9.56 7.80
C SER A 90 -10.84 -10.99 8.17
N MET A 91 -10.20 -11.16 9.33
CA MET A 91 -9.94 -12.47 9.95
C MET A 91 -10.91 -12.77 11.11
N VAL A 92 -11.09 -11.82 12.02
CA VAL A 92 -11.88 -12.06 13.24
C VAL A 92 -13.40 -11.97 13.05
N ASP A 93 -14.12 -12.52 14.04
CA ASP A 93 -15.58 -12.70 14.00
C ASP A 93 -16.39 -11.80 14.96
N SER A 94 -15.76 -11.37 16.05
CA SER A 94 -16.33 -10.37 16.96
C SER A 94 -15.19 -9.52 17.47
N VAL A 95 -15.40 -8.73 18.52
CA VAL A 95 -14.39 -7.77 18.96
C VAL A 95 -14.46 -7.59 20.50
N LEU A 96 -13.33 -7.32 21.14
CA LEU A 96 -13.29 -6.75 22.48
C LEU A 96 -12.99 -5.27 22.41
N LEU A 97 -13.97 -4.42 22.68
CA LEU A 97 -13.63 -3.04 23.00
C LEU A 97 -13.30 -2.98 24.50
N VAL A 98 -12.19 -2.36 24.87
CA VAL A 98 -11.85 -2.26 26.28
C VAL A 98 -11.78 -0.79 26.58
N VAL A 99 -12.33 -0.41 27.73
CA VAL A 99 -12.40 1.00 28.11
C VAL A 99 -12.29 1.13 29.61
N ASP A 100 -11.52 2.13 30.06
CA ASP A 100 -11.35 2.41 31.49
C ASP A 100 -12.58 3.12 32.03
N ALA A 101 -12.90 2.84 33.28
CA ALA A 101 -14.09 3.33 33.93
C ALA A 101 -13.98 4.74 34.54
N PHE A 102 -12.90 5.47 34.29
CA PHE A 102 -12.70 6.78 34.92
C PHE A 102 -12.70 7.92 33.93
N ASP A 103 -12.85 7.62 32.64
CA ASP A 103 -12.50 8.56 31.57
C ASP A 103 -13.34 8.41 30.31
N GLY A 104 -13.68 7.18 29.94
CA GLY A 104 -14.58 6.89 28.83
C GLY A 104 -13.86 6.36 27.60
N PRO A 105 -14.58 6.15 26.50
CA PRO A 105 -13.94 5.78 25.24
C PRO A 105 -13.28 7.02 24.62
N MET A 106 -12.15 6.80 23.94
CA MET A 106 -11.24 7.88 23.54
C MET A 106 -11.11 7.96 22.00
N PRO A 107 -10.66 9.10 21.46
CA PRO A 107 -10.86 9.37 20.03
C PRO A 107 -10.12 8.50 18.96
N GLN A 108 -9.40 7.46 19.35
CA GLN A 108 -9.08 6.36 18.41
C GLN A 108 -9.27 4.95 18.96
N THR A 109 -9.90 4.83 20.12
CA THR A 109 -10.79 3.69 20.33
C THR A 109 -11.91 3.91 19.33
N ARG A 110 -12.27 5.19 19.08
CA ARG A 110 -13.18 5.64 18.01
C ARG A 110 -12.79 5.02 16.65
N PHE A 111 -11.99 5.70 15.83
CA PHE A 111 -11.71 5.26 14.45
C PHE A 111 -11.79 3.74 14.28
N VAL A 112 -10.96 3.02 15.06
CA VAL A 112 -10.79 1.56 14.95
C VAL A 112 -12.12 0.84 14.84
N THR A 113 -12.96 1.09 15.82
CA THR A 113 -14.23 0.38 15.94
C THR A 113 -15.17 0.60 14.76
N LYS A 114 -15.02 1.70 14.01
CA LYS A 114 -15.87 1.95 12.84
C LYS A 114 -15.79 0.73 11.95
N LYS A 115 -14.53 0.40 11.63
CA LYS A 115 -14.24 -0.63 10.66
C LYS A 115 -14.77 -1.97 11.18
N ALA A 116 -14.87 -2.10 12.50
CA ALA A 116 -15.54 -3.24 13.14
C ALA A 116 -16.98 -3.39 12.66
N PHE A 117 -17.75 -2.33 12.77
CA PHE A 117 -19.16 -2.40 12.40
C PHE A 117 -19.33 -2.46 10.89
N ALA A 118 -18.34 -1.97 10.14
CA ALA A 118 -18.33 -2.07 8.67
C ALA A 118 -18.10 -3.48 8.11
N TYR A 119 -17.66 -4.40 8.98
CA TYR A 119 -17.78 -5.84 8.75
C TYR A 119 -18.87 -6.31 9.69
N GLY A 120 -19.36 -7.54 9.54
CA GLY A 120 -20.47 -8.01 10.38
C GLY A 120 -20.10 -8.35 11.83
N LEU A 121 -19.46 -7.42 12.55
CA LEU A 121 -18.84 -7.72 13.86
C LEU A 121 -19.68 -7.24 15.02
N LYS A 122 -19.65 -8.01 16.10
CA LYS A 122 -20.58 -7.89 17.24
C LYS A 122 -19.80 -7.71 18.57
N PRO A 123 -19.18 -6.53 18.77
CA PRO A 123 -18.46 -6.07 19.95
C PRO A 123 -18.84 -6.59 21.30
N ILE A 124 -17.82 -6.98 22.04
CA ILE A 124 -17.94 -7.34 23.42
C ILE A 124 -17.33 -6.16 24.11
N VAL A 125 -18.12 -5.38 24.82
CA VAL A 125 -17.58 -4.29 25.62
C VAL A 125 -17.00 -4.87 26.90
N VAL A 126 -15.91 -4.26 27.37
CA VAL A 126 -15.23 -4.60 28.61
C VAL A 126 -14.84 -3.28 29.29
N ILE A 127 -15.17 -3.19 30.56
CA ILE A 127 -14.82 -2.03 31.36
C ILE A 127 -13.63 -2.43 32.21
N ASN A 128 -12.57 -1.65 32.14
CA ASN A 128 -11.33 -2.00 32.84
C ASN A 128 -11.23 -1.14 34.09
N LYS A 129 -10.26 -1.47 34.94
CA LYS A 129 -9.87 -0.63 36.09
C LYS A 129 -11.05 0.04 36.81
N VAL A 130 -11.97 -0.82 37.22
CA VAL A 130 -13.03 -0.44 38.14
C VAL A 130 -12.50 -0.36 39.57
N ASP A 131 -11.33 -0.96 39.82
CA ASP A 131 -10.58 -0.74 41.07
C ASP A 131 -10.29 0.73 41.40
N ARG A 132 -10.12 1.54 40.35
CA ARG A 132 -9.93 3.00 40.47
C ARG A 132 -10.88 3.64 41.52
N PRO A 133 -10.42 4.72 42.18
CA PRO A 133 -11.28 5.45 43.13
C PRO A 133 -12.44 6.21 42.47
N GLY A 134 -12.13 7.13 41.55
CA GLY A 134 -13.14 7.91 40.86
C GLY A 134 -13.77 7.13 39.72
N ALA A 135 -14.49 6.07 40.09
CA ALA A 135 -15.03 5.11 39.13
C ALA A 135 -16.36 5.64 38.62
N ARG A 136 -16.57 5.59 37.31
CA ARG A 136 -17.86 5.93 36.68
C ARG A 136 -18.32 4.72 35.86
N PRO A 137 -18.48 3.55 36.50
CA PRO A 137 -18.72 2.34 35.70
C PRO A 137 -19.94 2.48 34.81
N ASP A 138 -21.01 3.07 35.35
CA ASP A 138 -22.29 3.20 34.65
C ASP A 138 -22.11 4.25 33.57
N TRP A 139 -21.79 5.48 33.99
CA TRP A 139 -21.62 6.64 33.11
C TRP A 139 -20.78 6.36 31.85
N VAL A 140 -19.75 5.51 32.00
CA VAL A 140 -18.92 5.09 30.86
C VAL A 140 -19.74 4.31 29.83
N VAL A 141 -20.56 3.38 30.30
CA VAL A 141 -21.43 2.59 29.40
C VAL A 141 -22.43 3.50 28.70
N ASP A 142 -22.99 4.47 29.45
CA ASP A 142 -23.85 5.50 28.86
C ASP A 142 -23.05 6.22 27.75
N GLN A 143 -21.82 6.62 28.08
CA GLN A 143 -20.94 7.33 27.15
C GLN A 143 -20.48 6.51 25.96
N VAL A 144 -20.37 5.19 26.11
CA VAL A 144 -20.12 4.31 24.98
C VAL A 144 -21.23 4.54 23.95
N PHE A 145 -22.44 4.03 24.18
CA PHE A 145 -23.59 4.24 23.28
C PHE A 145 -23.51 5.56 22.53
N ASP A 146 -23.56 6.65 23.27
CA ASP A 146 -23.61 8.00 22.68
C ASP A 146 -22.47 8.25 21.66
N LEU A 147 -21.35 7.56 21.85
CA LEU A 147 -20.20 7.71 20.95
C LEU A 147 -19.91 6.42 20.22
N PHE A 148 -20.71 5.39 20.49
CA PHE A 148 -20.53 4.09 19.85
C PHE A 148 -21.80 3.66 19.12
N VAL A 149 -22.95 4.11 19.62
CA VAL A 149 -24.23 3.77 19.03
C VAL A 149 -24.49 4.59 17.76
N ASN A 150 -24.04 5.84 17.79
CA ASN A 150 -24.22 6.74 16.65
C ASN A 150 -23.49 6.25 15.40
N LEU A 151 -23.28 4.94 15.33
CA LEU A 151 -22.59 4.34 14.19
C LEU A 151 -23.42 3.23 13.57
N ASP A 152 -24.66 3.09 14.03
CA ASP A 152 -25.56 2.07 13.51
C ASP A 152 -24.92 0.68 13.61
N ALA A 153 -25.66 -0.33 13.16
CA ALA A 153 -25.17 -1.71 13.20
C ALA A 153 -26.03 -2.62 12.32
N THR A 154 -27.33 -2.71 12.61
CA THR A 154 -27.96 -1.98 13.71
C THR A 154 -27.91 -2.78 15.01
N ASP A 155 -27.90 -4.10 14.88
CA ASP A 155 -27.85 -4.98 16.04
C ASP A 155 -26.79 -4.53 17.04
N GLU A 156 -26.98 -4.90 18.31
CA GLU A 156 -26.05 -4.53 19.35
C GLU A 156 -26.07 -3.02 19.60
N GLN A 157 -26.94 -2.56 20.50
CA GLN A 157 -27.87 -3.41 21.25
C GLN A 157 -27.11 -4.33 22.20
N LEU A 158 -26.85 -5.56 21.75
CA LEU A 158 -26.14 -6.54 22.56
C LEU A 158 -24.93 -7.11 21.82
N ASP A 159 -23.73 -6.59 22.12
CA ASP A 159 -23.53 -5.53 23.10
C ASP A 159 -24.10 -5.91 24.46
N PHE A 160 -23.74 -7.11 24.92
CA PHE A 160 -24.21 -7.61 26.21
C PHE A 160 -23.89 -9.09 26.38
N PRO A 161 -22.59 -9.40 26.45
CA PRO A 161 -21.54 -8.37 26.36
C PRO A 161 -21.60 -7.22 27.43
N ILE A 162 -20.71 -6.24 27.35
CA ILE A 162 -20.47 -5.27 28.45
C ILE A 162 -20.11 -6.01 29.75
N VAL A 163 -18.86 -6.45 29.83
CA VAL A 163 -18.30 -7.15 30.99
C VAL A 163 -17.47 -6.19 31.85
N TYR A 164 -17.53 -6.36 33.15
CA TYR A 164 -16.72 -5.54 34.02
C TYR A 164 -15.49 -6.31 34.45
N ALA A 165 -14.41 -5.56 34.72
CA ALA A 165 -13.09 -6.13 34.89
C ALA A 165 -12.18 -5.28 35.76
N SER A 166 -11.16 -5.95 36.30
CA SER A 166 -9.98 -5.31 36.86
C SER A 166 -8.78 -6.15 36.44
N ALA A 167 -7.89 -5.59 35.63
CA ALA A 167 -6.65 -6.30 35.23
C ALA A 167 -5.85 -6.72 36.47
N LEU A 168 -5.82 -5.85 37.46
CA LEU A 168 -5.29 -6.17 38.78
C LEU A 168 -6.26 -7.14 39.48
N ASN A 169 -6.30 -8.38 38.99
CA ASN A 169 -7.26 -9.38 39.43
C ASN A 169 -6.57 -10.39 40.34
N GLY A 173 -17.29 -5.19 45.01
CA GLY A 173 -17.53 -4.03 44.17
C GLY A 173 -18.99 -3.80 43.90
N LEU A 174 -19.32 -3.57 42.63
CA LEU A 174 -20.70 -3.32 42.23
C LEU A 174 -20.98 -3.88 40.84
N ASP A 175 -22.08 -3.45 40.25
CA ASP A 175 -22.47 -3.90 38.92
C ASP A 175 -22.30 -5.41 38.77
N HIS A 176 -22.08 -5.86 37.54
CA HIS A 176 -21.90 -7.28 37.27
C HIS A 176 -20.56 -7.79 37.82
N GLU A 177 -20.57 -8.96 38.45
CA GLU A 177 -21.78 -9.77 38.65
C GLU A 177 -22.43 -9.47 40.00
N ASP A 178 -21.65 -9.49 41.09
CA ASP A 178 -20.22 -9.78 41.04
C ASP A 178 -19.83 -10.82 42.09
N MET A 179 -18.70 -11.51 41.90
CA MET A 179 -17.84 -11.31 40.73
C MET A 179 -17.02 -12.57 40.43
N ALA A 180 -17.15 -13.56 41.30
CA ALA A 180 -16.43 -14.82 41.14
C ALA A 180 -14.92 -14.58 41.11
N GLU A 181 -14.38 -14.37 39.92
CA GLU A 181 -12.94 -14.13 39.75
C GLU A 181 -12.69 -13.02 38.74
N ASP A 182 -13.76 -12.44 38.22
CA ASP A 182 -13.65 -11.35 37.25
C ASP A 182 -13.13 -11.88 35.90
N MET A 183 -12.11 -12.73 35.96
CA MET A 183 -11.52 -13.30 34.76
C MET A 183 -12.11 -14.66 34.45
N THR A 184 -12.77 -15.26 35.44
CA THR A 184 -13.38 -16.57 35.28
C THR A 184 -14.68 -16.49 34.48
N PRO A 185 -15.28 -15.23 34.45
CA PRO A 185 -16.53 -15.18 33.67
C PRO A 185 -16.30 -14.63 32.27
N LEU A 186 -15.23 -13.86 32.10
CA LEU A 186 -14.90 -13.28 30.80
C LEU A 186 -14.84 -14.34 29.72
N TYR A 187 -14.19 -15.46 30.02
CA TYR A 187 -14.05 -16.56 29.07
C TYR A 187 -15.42 -17.00 28.55
N GLN A 188 -16.38 -17.11 29.45
CA GLN A 188 -17.73 -17.53 29.09
C GLN A 188 -18.40 -16.49 28.19
N ALA A 189 -18.13 -15.22 28.46
CA ALA A 189 -18.71 -14.14 27.67
C ALA A 189 -18.26 -14.21 26.22
N ILE A 190 -16.97 -14.46 26.02
CA ILE A 190 -16.40 -14.56 24.66
C ILE A 190 -16.96 -15.76 23.92
N VAL A 191 -17.01 -16.91 24.57
CA VAL A 191 -17.53 -18.14 23.96
C VAL A 191 -19.02 -18.01 23.58
N ASP A 192 -19.81 -17.46 24.51
CA ASP A 192 -21.27 -17.27 24.35
C ASP A 192 -21.61 -16.40 23.12
N HIS A 193 -21.11 -15.17 23.12
CA HIS A 193 -21.45 -14.18 22.09
C HIS A 193 -20.70 -14.29 20.76
N VAL A 194 -19.39 -14.53 20.82
CA VAL A 194 -18.57 -14.58 19.62
C VAL A 194 -18.83 -15.89 18.89
N PRO A 195 -19.25 -15.82 17.62
CA PRO A 195 -19.60 -17.03 16.88
C PRO A 195 -18.39 -17.82 16.40
N ALA A 196 -18.66 -19.01 15.85
CA ALA A 196 -17.61 -19.81 15.21
C ALA A 196 -17.32 -19.18 13.84
N PRO A 197 -16.07 -19.32 13.35
CA PRO A 197 -15.67 -18.80 12.03
C PRO A 197 -16.28 -19.56 10.83
N ASP A 198 -17.25 -18.91 10.16
CA ASP A 198 -18.11 -19.55 9.15
C ASP A 198 -17.34 -19.91 7.89
N VAL A 199 -16.53 -20.96 8.00
CA VAL A 199 -15.72 -21.44 6.89
C VAL A 199 -15.71 -22.97 6.95
N ASP A 200 -15.50 -23.60 5.80
CA ASP A 200 -15.80 -25.04 5.53
C ASP A 200 -14.54 -25.89 5.32
N LEU A 201 -14.32 -26.89 6.19
CA LEU A 201 -13.08 -27.71 6.16
C LEU A 201 -12.98 -28.60 4.92
N ASP A 202 -14.10 -29.19 4.53
CA ASP A 202 -14.13 -30.09 3.40
C ASP A 202 -13.92 -29.30 2.10
N GLY A 203 -13.88 -30.01 0.97
CA GLY A 203 -13.42 -29.42 -0.29
C GLY A 203 -11.92 -29.19 -0.19
N PRO A 204 -11.34 -28.52 -1.20
CA PRO A 204 -9.90 -28.28 -1.23
C PRO A 204 -9.43 -27.32 -0.10
N PHE A 205 -8.27 -26.67 -0.28
CA PHE A 205 -7.78 -25.63 0.62
C PHE A 205 -7.72 -24.26 -0.05
N GLN A 206 -8.12 -23.22 0.69
CA GLN A 206 -7.89 -21.83 0.29
C GLN A 206 -7.83 -20.88 1.48
N MET A 207 -7.06 -19.80 1.33
CA MET A 207 -6.81 -18.83 2.41
C MET A 207 -6.46 -17.45 1.82
N GLN A 208 -7.13 -16.40 2.31
CA GLN A 208 -6.81 -15.04 1.91
C GLN A 208 -5.74 -14.52 2.83
N ILE A 209 -4.67 -14.01 2.24
CA ILE A 209 -3.60 -13.40 3.03
C ILE A 209 -4.11 -12.04 3.49
N SER A 210 -4.39 -11.94 4.79
CA SER A 210 -5.10 -10.80 5.38
C SER A 210 -4.12 -9.79 5.98
N GLN A 211 -3.28 -10.28 6.90
CA GLN A 211 -2.19 -9.48 7.51
C GLN A 211 -0.93 -9.82 6.70
N LEU A 212 0.23 -9.30 7.11
CA LEU A 212 1.46 -9.57 6.40
C LEU A 212 2.69 -9.09 7.18
N ASP A 213 3.67 -9.98 7.38
CA ASP A 213 4.97 -9.55 7.90
C ASP A 213 6.16 -10.16 7.15
N TYR A 214 7.34 -9.60 7.42
CA TYR A 214 8.57 -9.88 6.70
C TYR A 214 9.69 -10.21 7.66
N ASN A 215 10.63 -10.99 7.16
CA ASN A 215 11.91 -11.22 7.82
C ASN A 215 12.91 -11.41 6.71
N SER A 216 14.15 -10.94 6.93
CA SER A 216 15.18 -10.97 5.88
C SER A 216 15.72 -12.37 5.63
N TYR A 217 15.45 -13.32 6.54
CA TYR A 217 15.88 -14.71 6.43
C TYR A 217 14.80 -15.70 5.94
N VAL A 218 13.50 -15.38 6.05
CA VAL A 218 12.44 -16.28 5.50
C VAL A 218 11.49 -15.61 4.50
N GLY A 219 11.86 -14.43 4.01
CA GLY A 219 11.03 -13.71 3.04
C GLY A 219 9.79 -13.17 3.71
N VAL A 220 8.75 -12.98 2.90
CA VAL A 220 7.50 -12.41 3.39
C VAL A 220 6.66 -13.58 3.85
N ILE A 221 5.90 -13.32 4.90
CA ILE A 221 5.12 -14.33 5.57
C ILE A 221 3.66 -13.98 5.48
N GLY A 222 2.86 -15.01 5.19
CA GLY A 222 1.44 -14.92 4.90
C GLY A 222 0.63 -14.18 5.94
N ILE A 223 0.34 -14.86 7.05
CA ILE A 223 -0.68 -14.44 8.02
C ILE A 223 -2.05 -14.18 7.37
N GLY A 224 -2.89 -15.20 7.40
CA GLY A 224 -4.29 -15.02 7.11
C GLY A 224 -5.08 -15.89 8.04
N ARG A 225 -6.40 -15.90 7.85
CA ARG A 225 -7.24 -16.89 8.46
C ARG A 225 -7.79 -17.80 7.37
N ILE A 226 -7.73 -19.11 7.63
CA ILE A 226 -8.01 -20.18 6.65
C ILE A 226 -9.47 -20.09 6.25
N LYS A 227 -9.75 -20.11 4.95
CA LYS A 227 -11.13 -20.02 4.46
C LYS A 227 -11.72 -21.38 4.11
N ARG A 228 -10.87 -22.36 3.78
CA ARG A 228 -11.28 -23.76 3.62
C ARG A 228 -10.08 -24.69 3.69
N GLY A 229 -10.31 -25.98 3.87
CA GLY A 229 -9.26 -27.01 3.74
C GLY A 229 -8.17 -27.09 4.80
N LYS A 230 -7.09 -27.77 4.44
CA LYS A 230 -5.94 -28.00 5.31
C LYS A 230 -4.60 -27.82 4.57
N VAL A 231 -3.52 -27.54 5.31
CA VAL A 231 -2.15 -27.40 4.74
C VAL A 231 -1.08 -28.23 5.49
N LYS A 232 0.12 -28.32 4.91
CA LYS A 232 1.23 -29.08 5.49
C LYS A 232 2.54 -28.61 4.84
N PRO A 233 3.54 -28.19 5.64
CA PRO A 233 4.79 -27.56 5.19
C PRO A 233 5.43 -27.89 3.82
N ASN A 234 5.07 -29.00 3.14
CA ASN A 234 5.46 -29.20 1.74
C ASN A 234 4.29 -29.77 0.92
N GLN A 235 3.89 -29.07 -0.13
CA GLN A 235 2.74 -29.46 -1.00
C GLN A 235 2.91 -28.77 -2.37
N GLN A 236 1.83 -28.25 -2.92
CA GLN A 236 1.85 -27.13 -3.84
C GLN A 236 0.61 -26.28 -3.57
N VAL A 237 0.65 -25.00 -3.93
CA VAL A 237 -0.53 -24.12 -4.00
C VAL A 237 -0.44 -23.16 -5.21
N THR A 238 -1.37 -22.21 -5.30
CA THR A 238 -1.36 -21.14 -6.31
C THR A 238 -1.85 -19.79 -5.75
N ILE A 239 -1.48 -18.70 -6.41
CA ILE A 239 -1.61 -17.32 -5.90
C ILE A 239 -2.49 -16.44 -6.84
N ILE A 240 -3.50 -15.78 -6.27
CA ILE A 240 -4.58 -15.22 -7.08
C ILE A 240 -4.52 -13.74 -7.50
N ASP A 241 -4.69 -13.59 -8.80
CA ASP A 241 -5.21 -12.40 -9.53
C ASP A 241 -4.88 -12.63 -11.02
N SER A 242 -3.68 -13.17 -11.24
CA SER A 242 -3.28 -13.88 -12.44
C SER A 242 -2.65 -15.26 -12.04
N GLU A 243 -1.43 -15.57 -12.50
CA GLU A 243 -0.89 -16.95 -12.50
C GLU A 243 -0.52 -17.44 -11.09
N GLY A 244 0.74 -17.30 -10.65
CA GLY A 244 1.23 -17.69 -9.31
C GLY A 244 1.22 -19.17 -9.00
N LYS A 245 2.35 -19.83 -9.16
CA LYS A 245 2.39 -21.29 -9.00
C LYS A 245 3.23 -21.78 -7.79
N THR A 246 3.92 -20.87 -7.08
CA THR A 246 5.03 -21.25 -6.16
C THR A 246 4.57 -22.02 -4.89
N ARG A 247 5.51 -22.79 -4.31
CA ARG A 247 5.33 -23.47 -3.02
C ARG A 247 6.44 -23.18 -2.01
N ASN A 248 6.04 -22.93 -0.77
CA ASN A 248 6.94 -22.74 0.39
C ASN A 248 7.50 -24.03 1.02
N ALA A 249 8.20 -23.88 2.14
CA ALA A 249 8.71 -25.00 2.96
C ALA A 249 8.23 -25.07 4.42
N LYS A 250 7.62 -24.01 4.96
CA LYS A 250 7.27 -23.96 6.40
C LYS A 250 6.02 -23.16 6.76
N VAL A 251 5.30 -23.59 7.81
CA VAL A 251 4.09 -22.89 8.35
C VAL A 251 4.13 -22.64 9.85
N GLY A 252 4.47 -21.40 10.23
CA GLY A 252 4.24 -20.95 11.60
C GLY A 252 2.75 -20.95 11.88
N LYS A 253 2.39 -20.68 13.15
CA LYS A 253 1.00 -20.45 13.57
C LYS A 253 0.93 -20.08 15.04
N VAL A 254 -0.14 -19.40 15.41
CA VAL A 254 -0.21 -18.78 16.73
C VAL A 254 -0.61 -19.85 17.78
N LEU A 255 -0.04 -19.75 18.98
CA LEU A 255 -0.27 -20.71 20.08
C LEU A 255 0.21 -20.09 21.40
N GLY A 256 -0.74 -19.71 22.27
CA GLY A 256 -0.46 -18.81 23.36
C GLY A 256 0.09 -17.53 22.78
N HIS A 257 1.06 -16.94 23.49
CA HIS A 257 1.77 -15.77 23.00
C HIS A 257 2.86 -16.11 21.96
N LEU A 258 2.96 -17.39 21.57
CA LEU A 258 4.03 -17.92 20.72
C LEU A 258 3.51 -17.83 19.28
N GLY A 259 4.34 -18.27 18.33
CA GLY A 259 4.02 -18.27 16.89
C GLY A 259 4.66 -19.49 16.28
N LEU A 260 4.42 -20.63 16.89
CA LEU A 260 5.18 -21.89 16.66
C LEU A 260 4.88 -22.55 15.29
N GLU A 261 5.60 -23.61 14.92
CA GLU A 261 5.32 -24.36 13.67
C GLU A 261 4.57 -25.63 14.05
N ARG A 262 3.99 -26.34 13.08
CA ARG A 262 3.65 -27.78 13.28
C ARG A 262 3.29 -28.53 11.98
N ILE A 263 3.20 -29.86 12.11
CA ILE A 263 2.96 -30.84 11.01
C ILE A 263 1.98 -30.35 9.94
N GLU A 264 0.93 -29.65 10.35
CA GLU A 264 -0.10 -29.18 9.45
C GLU A 264 -1.00 -28.15 10.14
N THR A 265 -1.83 -27.43 9.37
CA THR A 265 -2.94 -26.61 9.91
C THR A 265 -4.18 -26.72 9.05
N ASP A 266 -5.29 -27.15 9.67
CA ASP A 266 -6.56 -27.30 8.96
C ASP A 266 -7.32 -25.97 9.00
N LEU A 267 -8.56 -25.97 9.49
CA LEU A 267 -9.50 -24.92 9.17
C LEU A 267 -9.49 -23.79 10.17
N ALA A 268 -9.90 -22.62 9.70
CA ALA A 268 -10.29 -21.48 10.52
C ALA A 268 -9.36 -21.03 11.67
N GLU A 269 -8.05 -21.26 11.50
CA GLU A 269 -7.06 -20.80 12.46
C GLU A 269 -6.30 -19.64 11.81
N ALA A 270 -6.05 -18.57 12.58
CA ALA A 270 -5.21 -17.48 12.10
C ALA A 270 -3.73 -17.99 12.01
N GLY A 271 -3.46 -18.79 10.97
CA GLY A 271 -2.16 -19.44 10.75
C GLY A 271 -1.38 -18.65 9.71
N ASP A 272 -0.05 -18.78 9.71
CA ASP A 272 0.85 -17.88 8.92
C ASP A 272 2.02 -18.56 8.19
N ILE A 273 2.21 -18.19 6.91
CA ILE A 273 2.87 -19.04 5.92
C ILE A 273 4.06 -18.40 5.17
N VAL A 274 5.23 -19.04 5.20
CA VAL A 274 6.47 -18.40 4.72
C VAL A 274 6.70 -18.61 3.23
N ALA A 275 7.68 -17.90 2.67
CA ALA A 275 8.43 -18.26 1.43
C ALA A 275 7.64 -18.49 0.12
N ILE A 276 6.57 -17.73 -0.09
CA ILE A 276 5.76 -17.85 -1.31
C ILE A 276 5.93 -16.59 -2.17
N THR A 277 6.04 -16.82 -3.49
CA THR A 277 6.08 -15.79 -4.57
C THR A 277 6.76 -14.50 -4.14
N GLU A 281 6.16 -11.61 -5.21
CA GLU A 281 5.99 -11.52 -3.76
C GLU A 281 4.58 -11.87 -3.32
N LEU A 282 4.46 -12.44 -2.11
CA LEU A 282 3.15 -12.64 -1.48
C LEU A 282 2.58 -11.29 -1.00
N ASN A 283 1.26 -11.10 -1.14
CA ASN A 283 0.62 -9.79 -0.94
C ASN A 283 -0.69 -9.80 -0.17
N ILE A 284 -1.13 -8.60 0.18
CA ILE A 284 -2.33 -8.40 0.98
C ILE A 284 -3.48 -8.54 0.00
N SER A 285 -4.65 -8.99 0.48
CA SER A 285 -5.86 -9.23 -0.35
C SER A 285 -5.76 -10.51 -1.21
N ASP A 286 -4.74 -10.55 -2.05
CA ASP A 286 -4.15 -11.79 -2.61
C ASP A 286 -4.45 -13.07 -1.77
N THR A 287 -4.86 -14.14 -2.47
CA THR A 287 -5.46 -15.34 -1.84
C THR A 287 -4.91 -16.69 -2.36
N VAL A 288 -4.43 -17.51 -1.43
CA VAL A 288 -3.89 -18.82 -1.77
C VAL A 288 -5.00 -19.83 -2.02
N CYS A 289 -4.62 -21.00 -2.51
CA CYS A 289 -5.59 -22.06 -2.80
C CYS A 289 -4.94 -23.20 -3.58
N ASP A 290 -5.42 -24.42 -3.33
CA ASP A 290 -4.88 -25.60 -4.01
C ASP A 290 -4.88 -25.41 -5.52
N THR A 291 -4.18 -26.31 -6.21
CA THR A 291 -4.09 -26.24 -7.68
C THR A 291 -5.14 -27.12 -8.33
N GLN A 292 -5.67 -28.07 -7.57
CA GLN A 292 -6.70 -28.98 -8.08
C GLN A 292 -8.09 -28.51 -7.68
N ASN A 293 -8.86 -28.06 -8.65
CA ASN A 293 -10.21 -27.58 -8.40
C ASN A 293 -10.27 -26.59 -7.25
N VAL A 294 -9.87 -25.35 -7.52
CA VAL A 294 -9.88 -24.30 -6.50
C VAL A 294 -10.00 -22.92 -7.14
N GLU A 295 -9.68 -21.89 -6.37
CA GLU A 295 -9.75 -20.52 -6.85
C GLU A 295 -11.20 -20.08 -7.07
N ALA A 296 -11.56 -18.93 -6.49
CA ALA A 296 -10.63 -18.13 -5.71
C ALA A 296 -11.34 -17.44 -4.54
N LEU A 297 -10.81 -16.29 -4.14
CA LEU A 297 -11.39 -15.53 -3.04
C LEU A 297 -11.61 -14.07 -3.44
N PRO A 298 -12.72 -13.46 -2.88
CA PRO A 298 -12.90 -12.06 -3.27
C PRO A 298 -12.38 -11.09 -2.22
N ALA A 299 -13.07 -9.98 -2.02
CA ALA A 299 -12.68 -8.98 -1.04
C ALA A 299 -11.45 -8.20 -1.52
N LEU A 300 -11.58 -6.89 -1.58
CA LEU A 300 -10.50 -6.02 -2.02
C LEU A 300 -9.69 -5.49 -0.83
N SER A 301 -10.32 -4.66 0.00
CA SER A 301 -11.72 -4.26 -0.16
C SER A 301 -11.82 -2.92 -0.90
N VAL A 302 -10.92 -2.01 -0.59
CA VAL A 302 -10.91 -0.70 -1.22
C VAL A 302 -9.52 -0.06 -1.15
N ASP A 303 -8.62 -0.72 -0.43
CA ASP A 303 -7.25 -0.21 -0.29
C ASP A 303 -6.38 -0.61 -1.47
N GLU A 304 -6.93 -1.43 -2.35
CA GLU A 304 -6.21 -1.89 -3.53
C GLU A 304 -5.48 -0.73 -4.22
N PRO A 305 -4.46 -1.10 -5.08
CA PRO A 305 -3.78 0.05 -5.73
C PRO A 305 -4.31 0.29 -7.14
N THR A 306 -4.02 1.46 -7.69
CA THR A 306 -4.47 1.81 -9.06
C THR A 306 -3.35 1.94 -10.11
N VAL A 307 -2.11 2.05 -9.65
CA VAL A 307 -0.95 2.31 -10.52
C VAL A 307 0.16 1.33 -10.20
N SER A 308 1.02 1.04 -11.18
CA SER A 308 2.25 0.29 -10.93
C SER A 308 3.36 0.76 -11.86
N MET A 309 4.47 1.18 -11.26
CA MET A 309 5.69 1.44 -12.01
C MET A 309 6.68 0.36 -11.59
N PHE A 310 7.54 -0.03 -12.53
CA PHE A 310 8.57 -1.01 -12.26
C PHE A 310 9.73 -0.33 -11.58
N PHE A 311 10.27 -1.02 -10.57
CA PHE A 311 11.49 -0.63 -9.88
C PHE A 311 12.54 -1.59 -10.37
N CYS A 312 13.62 -1.06 -10.92
CA CYS A 312 14.76 -1.87 -11.33
C CYS A 312 16.03 -1.34 -10.73
N VAL A 313 17.04 -2.20 -10.69
CA VAL A 313 18.32 -1.81 -10.16
C VAL A 313 18.95 -0.91 -11.20
N ASN A 314 19.69 0.08 -10.71
CA ASN A 314 20.33 1.04 -11.60
C ASN A 314 21.37 0.37 -12.49
N THR A 315 21.01 0.15 -13.75
CA THR A 315 21.93 -0.47 -14.71
C THR A 315 22.71 0.58 -15.50
N SER A 316 22.69 1.83 -15.05
CA SER A 316 23.36 2.92 -15.76
C SER A 316 24.88 2.87 -15.53
N PRO A 317 25.64 3.61 -16.35
CA PRO A 317 27.08 3.75 -16.15
C PRO A 317 27.51 4.21 -14.77
N PHE A 318 26.70 5.02 -14.09
CA PHE A 318 27.03 5.45 -12.74
C PHE A 318 26.39 4.53 -11.68
N CYS A 319 26.57 3.21 -11.88
CA CYS A 319 25.99 2.17 -11.03
C CYS A 319 26.69 2.17 -9.68
N GLY A 320 25.99 2.64 -8.66
CA GLY A 320 26.54 2.75 -7.30
C GLY A 320 27.61 3.81 -7.12
N LYS A 321 27.62 4.84 -7.97
CA LYS A 321 28.63 5.89 -7.92
C LYS A 321 28.20 7.08 -7.08
N GLU A 322 26.91 7.19 -6.75
CA GLU A 322 26.40 8.22 -5.82
C GLU A 322 25.62 7.70 -4.59
N GLY A 323 25.34 6.40 -4.56
CA GLY A 323 24.56 5.82 -3.48
C GLY A 323 25.39 4.94 -2.57
N LYS A 324 24.74 3.88 -2.10
CA LYS A 324 25.17 3.13 -0.91
C LYS A 324 24.52 1.75 -0.89
N PHE A 325 23.22 1.73 -1.16
CA PHE A 325 22.48 0.52 -1.46
C PHE A 325 22.14 0.50 -2.92
N VAL A 326 22.21 -0.66 -3.55
CA VAL A 326 21.95 -0.74 -4.98
C VAL A 326 21.70 -2.15 -5.52
N THR A 327 22.41 -3.18 -5.03
CA THR A 327 22.14 -4.57 -5.42
C THR A 327 20.69 -4.99 -5.11
N SER A 328 20.06 -5.69 -6.05
CA SER A 328 18.61 -5.95 -6.04
C SER A 328 18.14 -6.48 -4.71
N ARG A 329 18.88 -7.44 -4.19
CA ARG A 329 18.62 -8.00 -2.87
C ARG A 329 18.23 -6.92 -1.86
N GLN A 330 19.03 -5.85 -1.78
CA GLN A 330 18.73 -4.73 -0.86
C GLN A 330 17.44 -3.98 -1.19
N ILE A 331 17.21 -3.73 -2.48
CA ILE A 331 15.99 -3.05 -2.93
C ILE A 331 14.77 -3.86 -2.49
N LEU A 332 14.75 -5.14 -2.80
CA LEU A 332 13.63 -5.99 -2.44
C LEU A 332 13.48 -6.16 -0.92
N ASP A 333 14.60 -6.21 -0.20
CA ASP A 333 14.59 -6.17 1.28
C ASP A 333 13.87 -4.92 1.81
N ARG A 334 14.24 -3.77 1.26
CA ARG A 334 13.55 -2.52 1.54
C ARG A 334 12.07 -2.54 1.15
N LEU A 335 11.76 -3.01 -0.07
CA LEU A 335 10.38 -3.07 -0.55
C LEU A 335 9.46 -3.88 0.34
N ASN A 336 9.99 -4.96 0.88
CA ASN A 336 9.21 -5.79 1.79
C ASN A 336 9.14 -5.22 3.20
N LYS A 337 10.18 -4.50 3.62
CA LYS A 337 10.09 -3.75 4.86
C LYS A 337 8.93 -2.76 4.77
N GLU A 338 8.76 -2.13 3.60
CA GLU A 338 7.60 -1.26 3.34
C GLU A 338 6.27 -2.02 3.22
N LEU A 339 6.29 -3.25 2.72
CA LEU A 339 5.08 -4.05 2.56
C LEU A 339 4.36 -4.47 3.82
N VAL A 340 5.05 -4.41 4.95
CA VAL A 340 4.39 -4.68 6.20
C VAL A 340 3.45 -3.52 6.53
N HIS A 341 3.97 -2.41 7.03
CA HIS A 341 3.10 -1.34 7.57
C HIS A 341 2.35 -0.52 6.50
N ASN A 342 2.92 -0.39 5.29
CA ASN A 342 2.25 0.31 4.19
C ASN A 342 1.28 -0.61 3.49
N VAL A 343 0.01 -0.22 3.45
CA VAL A 343 -1.10 -1.15 3.10
C VAL A 343 -1.65 -0.98 1.69
N ALA A 344 -1.57 0.23 1.15
CA ALA A 344 -1.93 0.43 -0.26
C ALA A 344 -0.88 -0.14 -1.25
N LEU A 345 0.31 -0.48 -0.74
CA LEU A 345 1.39 -1.04 -1.54
C LEU A 345 1.27 -2.55 -1.73
N ARG A 346 1.28 -2.96 -3.00
CA ARG A 346 1.57 -4.34 -3.42
C ARG A 346 2.85 -4.34 -4.30
N VAL A 347 3.75 -5.29 -4.04
CA VAL A 347 4.98 -5.48 -4.83
C VAL A 347 5.04 -6.92 -5.35
N GLU A 348 5.58 -7.08 -6.56
CA GLU A 348 5.71 -8.40 -7.16
C GLU A 348 6.88 -8.43 -8.12
N GLU A 349 7.27 -9.66 -8.49
CA GLU A 349 8.50 -9.95 -9.25
C GLU A 349 8.21 -10.16 -10.73
N THR A 350 9.24 -10.02 -11.56
CA THR A 350 9.08 -10.13 -13.01
C THR A 350 9.79 -11.37 -13.57
N GLU A 351 9.90 -11.42 -14.89
CA GLU A 351 10.85 -12.29 -15.56
C GLU A 351 12.27 -11.83 -15.20
N ASP A 352 12.55 -10.54 -15.34
CA ASP A 352 13.88 -9.98 -15.03
C ASP A 352 14.18 -10.09 -13.52
N ALA A 353 15.43 -10.44 -13.22
CA ALA A 353 15.89 -10.59 -11.84
C ALA A 353 15.82 -9.27 -11.08
N ASP A 354 16.32 -8.21 -11.72
CA ASP A 354 16.50 -6.91 -11.11
C ASP A 354 15.40 -5.94 -11.52
N ALA A 355 14.15 -6.38 -11.40
CA ALA A 355 12.96 -5.59 -11.74
C ALA A 355 11.78 -5.99 -10.85
N PHE A 356 10.97 -5.00 -10.46
CA PHE A 356 9.83 -5.21 -9.53
C PHE A 356 8.63 -4.33 -9.87
N ARG A 357 7.45 -4.93 -10.03
CA ARG A 357 6.24 -4.17 -10.30
C ARG A 357 5.70 -3.67 -8.97
N VAL A 358 6.01 -2.41 -8.67
CA VAL A 358 5.59 -1.79 -7.41
C VAL A 358 4.31 -0.99 -7.65
N SER A 359 3.22 -1.52 -7.10
CA SER A 359 1.89 -0.96 -7.30
C SER A 359 1.43 -0.19 -6.04
N GLY A 360 0.90 1.02 -6.23
CA GLY A 360 0.36 1.84 -5.13
C GLY A 360 -0.95 2.58 -5.45
N ARG A 361 -1.62 3.06 -4.41
CA ARG A 361 -2.90 3.76 -4.53
C ARG A 361 -2.85 4.91 -5.53
N GLY A 362 -1.74 5.64 -5.51
CA GLY A 362 -1.51 6.76 -6.41
C GLY A 362 -0.10 6.79 -6.96
N GLU A 363 0.15 7.76 -7.83
CA GLU A 363 1.50 8.10 -8.28
C GLU A 363 2.33 8.65 -7.10
N LEU A 364 1.71 9.44 -6.22
CA LEU A 364 2.39 10.00 -5.05
C LEU A 364 2.73 8.92 -4.06
N HIS A 365 1.79 8.01 -3.84
CA HIS A 365 2.00 6.88 -2.90
C HIS A 365 3.31 6.17 -3.12
N LEU A 366 3.69 6.03 -4.39
CA LEU A 366 4.98 5.44 -4.80
C LEU A 366 6.15 6.41 -4.64
N SER A 367 6.00 7.61 -5.19
CA SER A 367 7.06 8.62 -5.19
C SER A 367 7.55 9.00 -3.79
N VAL A 368 6.72 8.87 -2.76
CA VAL A 368 7.19 9.00 -1.36
C VAL A 368 8.19 7.86 -1.07
N LEU A 369 7.84 6.63 -1.49
CA LEU A 369 8.71 5.47 -1.30
C LEU A 369 10.05 5.65 -2.02
N ILE A 370 10.00 6.21 -3.22
CA ILE A 370 11.23 6.50 -3.96
C ILE A 370 12.01 7.59 -3.21
N GLU A 371 11.44 8.79 -3.10
CA GLU A 371 12.08 9.92 -2.41
C GLU A 371 12.72 9.52 -1.07
N ASN A 372 12.07 8.62 -0.33
CA ASN A 372 12.64 8.08 0.91
C ASN A 372 13.83 7.16 0.68
N MET A 373 13.62 6.12 -0.12
CA MET A 373 14.69 5.20 -0.53
C MET A 373 15.90 5.98 -1.04
N ARG A 374 15.64 7.06 -1.78
CA ARG A 374 16.68 8.02 -2.14
C ARG A 374 17.39 8.53 -0.90
N ARG A 375 16.66 9.25 -0.05
CA ARG A 375 17.21 9.82 1.18
C ARG A 375 17.99 8.80 2.04
N GLU A 376 17.53 7.55 2.06
CA GLU A 376 18.21 6.49 2.80
C GLU A 376 19.60 6.10 2.24
N GLY A 377 19.80 6.31 0.94
CA GLY A 377 21.03 5.89 0.24
C GLY A 377 20.86 4.98 -0.97
N PHE A 378 19.63 4.75 -1.44
CA PHE A 378 19.35 3.78 -2.52
C PHE A 378 19.57 4.34 -3.92
N GLU A 379 19.78 3.39 -4.83
CA GLU A 379 19.91 3.67 -6.24
C GLU A 379 19.05 2.69 -7.01
N LEU A 380 18.11 3.24 -7.77
CA LEU A 380 17.18 2.47 -8.56
C LEU A 380 16.66 3.26 -9.75
N ALA A 381 16.25 2.50 -10.77
CA ALA A 381 15.68 3.03 -12.00
C ALA A 381 14.18 2.68 -12.01
N VAL A 382 13.33 3.61 -12.43
CA VAL A 382 11.88 3.40 -12.28
C VAL A 382 11.10 3.67 -13.57
N SER A 383 10.17 2.78 -13.93
CA SER A 383 9.44 2.89 -15.20
C SER A 383 8.30 3.89 -15.08
N ARG A 384 7.65 4.23 -16.21
CA ARG A 384 6.55 5.19 -16.20
C ARG A 384 5.39 4.57 -15.44
N PRO A 385 4.74 5.37 -14.55
CA PRO A 385 3.57 4.81 -13.88
C PRO A 385 2.51 4.47 -14.91
N LYS A 386 2.37 3.17 -15.17
CA LYS A 386 1.24 2.69 -15.94
C LYS A 386 0.13 2.36 -14.95
N VAL A 387 -1.11 2.63 -15.33
CA VAL A 387 -2.25 2.39 -14.45
C VAL A 387 -2.55 0.89 -14.30
N ILE A 388 -3.41 0.54 -13.36
CA ILE A 388 -3.84 -0.83 -13.19
C ILE A 388 -5.19 -0.90 -13.83
N PHE A 389 -5.25 -1.43 -15.06
CA PHE A 389 -6.52 -1.73 -15.72
C PHE A 389 -7.14 -2.98 -15.08
N ARG A 390 -8.42 -2.89 -14.71
CA ARG A 390 -9.11 -4.00 -14.03
C ARG A 390 -10.40 -4.42 -14.69
N GLU A 391 -10.64 -5.73 -14.66
CA GLU A 391 -11.76 -6.34 -15.34
C GLU A 391 -12.92 -6.33 -14.36
N ILE A 392 -13.93 -5.48 -14.60
CA ILE A 392 -15.13 -5.44 -13.76
C ILE A 392 -16.42 -5.55 -14.60
N ASP A 393 -17.03 -6.74 -14.56
CA ASP A 393 -18.33 -7.03 -15.18
C ASP A 393 -18.28 -6.93 -16.68
N GLY A 394 -17.47 -7.79 -17.30
CA GLY A 394 -17.30 -7.80 -18.76
C GLY A 394 -16.48 -6.62 -19.25
N ARG A 395 -16.93 -5.41 -18.91
CA ARG A 395 -16.23 -4.16 -19.21
C ARG A 395 -14.94 -4.01 -18.40
N LYS A 396 -13.81 -3.93 -19.10
CA LYS A 396 -12.56 -3.46 -18.50
C LYS A 396 -12.78 -2.02 -18.04
N GLN A 397 -12.19 -1.68 -16.91
CA GLN A 397 -12.37 -0.37 -16.30
C GLN A 397 -11.01 0.15 -15.88
N GLU A 398 -10.79 1.45 -16.05
CA GLU A 398 -9.55 2.11 -15.64
C GLU A 398 -9.89 3.15 -14.57
N PRO A 399 -8.91 3.49 -13.71
CA PRO A 399 -9.21 4.33 -12.58
C PRO A 399 -9.28 5.79 -13.00
N TYR A 400 -10.38 6.45 -12.64
CA TYR A 400 -10.56 7.90 -12.81
C TYR A 400 -10.34 8.60 -11.46
N GLU A 401 -10.22 9.93 -11.47
CA GLU A 401 -9.82 10.69 -10.27
C GLU A 401 -10.48 12.04 -10.21
N ASN A 402 -10.91 12.44 -9.01
CA ASN A 402 -11.49 13.77 -8.78
C ASN A 402 -10.37 14.76 -8.67
N VAL A 403 -10.43 15.79 -9.50
CA VAL A 403 -9.32 16.70 -9.73
C VAL A 403 -9.80 18.10 -9.45
N THR A 404 -9.16 18.78 -8.50
CA THR A 404 -9.60 20.11 -8.08
C THR A 404 -8.45 21.10 -8.16
N LEU A 405 -8.72 22.24 -8.82
CA LEU A 405 -7.65 23.19 -9.12
C LEU A 405 -8.07 24.67 -9.27
N ASP A 406 -7.38 25.55 -8.53
CA ASP A 406 -7.60 27.00 -8.54
C ASP A 406 -6.63 27.61 -9.54
N VAL A 407 -7.09 28.61 -10.30
CA VAL A 407 -6.19 29.42 -11.14
C VAL A 407 -6.69 30.82 -11.36
N GLU A 408 -5.80 31.66 -11.87
CA GLU A 408 -6.13 33.02 -12.31
C GLU A 408 -6.94 32.92 -13.61
N GLU A 409 -7.72 33.97 -13.87
CA GLU A 409 -8.60 34.02 -15.05
C GLU A 409 -7.87 33.88 -16.39
N GLN A 410 -6.61 34.31 -16.48
CA GLN A 410 -5.83 34.15 -17.72
C GLN A 410 -5.20 32.75 -17.87
N HIS A 411 -5.66 31.77 -17.09
CA HIS A 411 -5.22 30.37 -17.24
C HIS A 411 -6.38 29.38 -17.46
N GLN A 412 -7.58 29.84 -17.78
CA GLN A 412 -8.65 28.93 -18.22
C GLN A 412 -8.32 28.57 -19.66
N GLY A 413 -8.05 29.60 -20.47
CA GLY A 413 -7.58 29.47 -21.85
C GLY A 413 -6.51 28.42 -22.09
N SER A 414 -5.68 28.18 -21.07
CA SER A 414 -4.69 27.11 -21.11
C SER A 414 -5.20 25.79 -20.50
N VAL A 415 -5.84 25.83 -19.32
CA VAL A 415 -6.30 24.60 -18.63
C VAL A 415 -7.57 24.02 -19.27
N MET A 416 -8.27 24.81 -20.10
CA MET A 416 -9.29 24.25 -20.99
C MET A 416 -8.68 23.06 -21.74
N GLN A 417 -7.68 23.36 -22.56
CA GLN A 417 -7.26 22.50 -23.64
C GLN A 417 -6.59 21.25 -23.07
N ALA A 418 -5.85 21.42 -21.99
CA ALA A 418 -5.01 20.36 -21.43
C ALA A 418 -5.85 19.21 -20.93
N LEU A 419 -6.74 19.52 -19.99
CA LEU A 419 -7.57 18.48 -19.40
C LEU A 419 -8.53 17.90 -20.43
N GLY A 420 -9.01 18.74 -21.34
CA GLY A 420 -9.78 18.28 -22.47
C GLY A 420 -8.99 17.22 -23.20
N GLU A 421 -7.75 17.57 -23.55
CA GLU A 421 -6.84 16.68 -24.31
C GLU A 421 -6.49 15.38 -23.55
N ARG A 422 -6.78 15.36 -22.25
CA ARG A 422 -6.58 14.17 -21.41
C ARG A 422 -7.89 13.54 -20.93
N LYS A 423 -8.98 13.81 -21.65
CA LYS A 423 -10.31 13.27 -21.35
C LYS A 423 -10.74 13.70 -19.95
N GLY A 424 -10.69 15.01 -19.70
CA GLY A 424 -11.10 15.59 -18.43
C GLY A 424 -12.54 16.06 -18.50
N ASP A 425 -13.46 15.19 -18.07
CA ASP A 425 -14.87 15.55 -17.94
C ASP A 425 -14.95 16.64 -16.88
N LEU A 426 -15.53 17.78 -17.27
CA LEU A 426 -15.56 18.98 -16.43
C LEU A 426 -16.82 18.94 -15.55
N LYS A 427 -16.63 18.96 -14.24
CA LYS A 427 -17.73 18.93 -13.28
C LYS A 427 -18.26 20.32 -12.93
N ASN A 428 -17.38 21.27 -12.58
CA ASN A 428 -17.83 22.55 -12.01
C ASN A 428 -16.90 23.76 -12.18
N MET A 429 -17.51 24.95 -12.03
CA MET A 429 -16.81 26.26 -11.97
C MET A 429 -17.33 27.11 -10.81
N ASN A 430 -16.43 27.46 -9.89
CA ASN A 430 -16.75 28.37 -8.77
C ASN A 430 -15.92 29.65 -8.92
N PRO A 431 -16.35 30.59 -9.79
CA PRO A 431 -15.57 31.81 -9.99
C PRO A 431 -15.70 32.74 -8.77
N ASP A 432 -14.60 32.88 -8.01
CA ASP A 432 -14.62 33.60 -6.72
C ASP A 432 -14.62 35.14 -6.80
N GLY A 433 -15.40 35.68 -7.75
CA GLY A 433 -15.62 37.12 -7.84
C GLY A 433 -14.48 37.94 -8.43
N LYS A 434 -13.27 37.70 -7.95
CA LYS A 434 -12.10 38.55 -8.23
C LYS A 434 -11.54 38.18 -9.62
N GLY A 435 -10.27 37.80 -9.72
CA GLY A 435 -9.73 37.19 -10.94
C GLY A 435 -9.98 35.70 -10.95
N ARG A 436 -9.64 35.04 -9.84
CA ARG A 436 -9.51 33.58 -9.79
C ARG A 436 -10.81 32.82 -10.01
N VAL A 437 -10.66 31.52 -10.29
CA VAL A 437 -11.77 30.55 -10.41
C VAL A 437 -11.26 29.13 -10.10
N ARG A 438 -12.10 28.36 -9.39
CA ARG A 438 -11.81 26.96 -9.06
C ARG A 438 -12.52 26.03 -10.04
N LEU A 439 -11.86 24.93 -10.39
CA LEU A 439 -12.38 23.96 -11.36
C LEU A 439 -12.22 22.53 -10.89
N ASP A 440 -13.36 21.85 -10.68
CA ASP A 440 -13.38 20.43 -10.34
C ASP A 440 -13.55 19.64 -11.64
N TYR A 441 -12.96 18.44 -11.70
CA TYR A 441 -13.06 17.58 -12.90
C TYR A 441 -13.20 16.15 -12.47
N VAL A 442 -13.35 15.29 -13.47
CA VAL A 442 -12.99 13.89 -13.35
C VAL A 442 -12.10 13.56 -14.56
N ILE A 443 -10.97 12.89 -14.31
CA ILE A 443 -10.03 12.46 -15.36
C ILE A 443 -9.66 11.01 -15.11
N PRO A 444 -9.41 10.22 -16.18
CA PRO A 444 -8.76 8.92 -16.01
C PRO A 444 -7.36 9.11 -15.49
N SER A 445 -6.98 8.40 -14.44
CA SER A 445 -5.64 8.48 -13.88
C SER A 445 -4.62 8.55 -14.98
N ARG A 446 -4.76 7.62 -15.94
CA ARG A 446 -3.93 7.55 -17.15
C ARG A 446 -3.65 8.90 -17.79
N GLY A 447 -4.67 9.76 -17.85
CA GLY A 447 -4.53 11.13 -18.35
C GLY A 447 -4.09 12.21 -17.38
N LEU A 448 -4.00 11.91 -16.09
CA LEU A 448 -3.49 12.88 -15.11
C LEU A 448 -1.95 12.82 -15.04
N ILE A 449 -1.39 11.67 -15.45
CA ILE A 449 0.05 11.48 -15.50
C ILE A 449 0.60 12.42 -16.56
N GLY A 450 1.40 13.35 -16.11
CA GLY A 450 2.00 14.35 -16.96
C GLY A 450 1.61 15.71 -16.45
N PHE A 451 0.32 15.89 -16.18
CA PHE A 451 -0.29 17.22 -16.17
C PHE A 451 0.26 18.30 -15.20
N ARG A 452 0.76 17.88 -14.04
CA ARG A 452 1.10 18.87 -13.00
C ARG A 452 2.18 19.83 -13.45
N SER A 453 3.18 19.34 -14.17
CA SER A 453 4.26 20.18 -14.72
C SER A 453 3.78 21.21 -15.74
N GLU A 454 2.71 20.91 -16.48
CA GLU A 454 2.09 21.90 -17.38
C GLU A 454 1.28 22.94 -16.62
N PHE A 455 0.43 22.52 -15.68
CA PHE A 455 -0.37 23.48 -14.87
C PHE A 455 0.57 24.53 -14.28
N MET A 456 1.75 24.09 -13.82
CA MET A 456 2.81 25.02 -13.37
C MET A 456 3.37 25.85 -14.54
N THR A 457 3.73 25.19 -15.64
CA THR A 457 4.27 25.87 -16.84
C THR A 457 3.26 26.80 -17.56
N MET A 458 1.96 26.59 -17.37
CA MET A 458 0.91 27.45 -17.95
C MET A 458 0.58 28.64 -17.04
N THR A 459 0.48 28.36 -15.75
CA THR A 459 0.13 29.37 -14.74
C THR A 459 1.33 30.15 -14.16
N SER A 460 2.55 29.70 -14.46
CA SER A 460 3.78 30.30 -13.92
C SER A 460 3.89 30.07 -12.40
N GLY A 461 3.63 28.84 -11.95
CA GLY A 461 3.65 28.47 -10.53
C GLY A 461 2.40 28.85 -9.75
N THR A 462 1.64 29.82 -10.24
CA THR A 462 0.48 30.39 -9.51
C THR A 462 -0.76 29.50 -9.61
N GLY A 463 -0.65 28.38 -10.33
CA GLY A 463 -1.66 27.34 -10.32
C GLY A 463 -1.47 26.52 -9.08
N LEU A 464 -2.58 25.95 -8.61
CA LEU A 464 -2.63 25.22 -7.37
C LEU A 464 -3.49 24.02 -7.68
N LEU A 465 -3.01 22.81 -7.39
CA LEU A 465 -3.72 21.58 -7.78
C LEU A 465 -3.28 20.36 -6.99
N TYR A 466 -4.24 19.74 -6.31
CA TYR A 466 -4.15 18.28 -6.04
C TYR A 466 -5.50 17.59 -6.16
N SER A 467 -5.42 16.27 -6.31
CA SER A 467 -6.50 15.43 -6.82
C SER A 467 -6.52 14.10 -6.05
N THR A 468 -7.54 13.28 -6.28
CA THR A 468 -7.77 12.10 -5.46
C THR A 468 -8.51 11.04 -6.25
N PHE A 469 -8.21 9.77 -5.92
CA PHE A 469 -8.85 8.61 -6.54
C PHE A 469 -10.32 8.57 -6.19
N SER A 470 -11.14 8.40 -7.22
CA SER A 470 -12.59 8.36 -7.07
C SER A 470 -13.12 6.97 -7.35
N HIS A 471 -12.94 6.47 -8.57
CA HIS A 471 -13.58 5.21 -8.96
C HIS A 471 -13.00 4.55 -10.20
N TYR A 472 -13.25 3.24 -10.31
CA TYR A 472 -13.00 2.46 -11.53
C TYR A 472 -14.25 2.47 -12.40
N ASP A 473 -14.17 3.07 -13.59
CA ASP A 473 -15.26 3.09 -14.56
C ASP A 473 -14.69 2.66 -15.90
N ASP A 474 -15.58 2.38 -16.84
CA ASP A 474 -15.15 1.96 -18.18
C ASP A 474 -13.95 2.77 -18.66
N VAL A 475 -13.21 2.21 -19.62
CA VAL A 475 -12.05 2.88 -20.17
C VAL A 475 -12.43 3.83 -21.30
N ARG A 476 -11.54 4.78 -21.60
CA ARG A 476 -11.78 5.76 -22.66
C ARG A 476 -12.18 5.06 -23.97
N PRO A 477 -11.26 4.24 -24.63
CA PRO A 477 -9.94 4.09 -23.99
C PRO A 477 -8.89 4.97 -24.65
N GLY A 478 -8.72 4.82 -25.96
CA GLY A 478 -7.75 5.61 -26.70
C GLY A 478 -6.42 5.73 -25.97
N GLU A 479 -5.73 6.84 -26.20
CA GLU A 479 -4.44 7.07 -25.57
C GLU A 479 -4.21 8.57 -25.32
N VAL A 480 -4.30 8.97 -24.06
CA VAL A 480 -4.11 10.37 -23.70
C VAL A 480 -2.68 10.62 -23.20
N GLY A 481 -2.33 9.98 -22.10
CA GLY A 481 -1.01 10.13 -21.52
C GLY A 481 0.10 9.89 -22.53
N GLN A 482 0.27 10.85 -23.44
CA GLN A 482 1.29 10.75 -24.47
C GLN A 482 1.97 12.10 -24.70
N ARG A 483 3.29 12.12 -24.58
CA ARG A 483 4.06 13.34 -24.78
C ARG A 483 4.11 13.73 -26.26
N GLN A 484 3.87 15.01 -26.54
CA GLN A 484 3.88 15.52 -27.92
C GLN A 484 5.30 15.61 -28.52
N ASN A 485 6.33 15.58 -27.66
CA ASN A 485 7.71 15.81 -28.06
C ASN A 485 8.52 14.53 -28.19
N GLY A 486 9.80 14.72 -28.50
CA GLY A 486 10.86 13.71 -28.36
C GLY A 486 12.02 14.24 -27.52
N VAL A 487 12.95 13.35 -27.20
CA VAL A 487 14.05 13.64 -26.27
C VAL A 487 15.42 13.63 -26.93
N LEU A 488 16.34 14.34 -26.28
CA LEU A 488 17.68 14.60 -26.76
C LEU A 488 18.62 13.74 -25.93
N ILE A 489 19.35 12.84 -26.58
CA ILE A 489 20.14 11.80 -25.92
C ILE A 489 21.61 11.87 -26.33
N SER A 490 22.52 11.87 -25.35
CA SER A 490 23.96 11.85 -25.65
C SER A 490 24.40 10.44 -26.03
N ASN A 491 25.47 10.37 -26.82
CA ASN A 491 25.96 9.11 -27.43
C ASN A 491 27.30 8.65 -26.88
N GLY A 492 27.81 9.36 -25.87
CA GLY A 492 29.07 9.00 -25.18
C GLY A 492 29.16 9.62 -23.80
N GLN A 493 29.98 9.01 -22.94
CA GLN A 493 30.28 9.57 -21.61
C GLN A 493 31.29 10.67 -21.76
N GLY A 494 31.22 11.65 -20.87
CA GLY A 494 32.19 12.73 -20.89
C GLY A 494 31.73 13.84 -20.00
N LYS A 495 31.84 15.07 -20.49
CA LYS A 495 31.32 16.23 -19.79
C LYS A 495 30.42 16.93 -20.78
N ALA A 496 29.85 18.04 -20.36
CA ALA A 496 29.05 18.89 -21.22
C ALA A 496 29.87 20.07 -21.69
N VAL A 497 30.24 20.05 -22.96
CA VAL A 497 30.97 21.14 -23.59
C VAL A 497 29.96 22.26 -23.86
N ALA A 498 30.19 23.43 -23.27
CA ALA A 498 29.37 24.63 -23.52
C ALA A 498 29.34 25.06 -25.00
N PHE A 499 30.44 24.78 -25.72
CA PHE A 499 30.54 24.97 -27.18
C PHE A 499 29.82 23.88 -28.02
N ALA A 500 29.22 22.88 -27.38
CA ALA A 500 28.21 21.99 -27.99
C ALA A 500 26.83 22.46 -27.57
N LEU A 501 26.62 22.60 -26.27
CA LEU A 501 25.30 22.90 -25.69
C LEU A 501 24.69 24.27 -26.03
N PHE A 502 25.52 25.29 -26.26
CA PHE A 502 25.03 26.58 -26.79
C PHE A 502 24.22 26.32 -28.07
N GLY A 503 24.76 25.47 -28.94
CA GLY A 503 24.10 25.05 -30.19
C GLY A 503 23.38 23.71 -30.16
N LEU A 504 22.88 23.33 -28.99
CA LEU A 504 21.90 22.25 -28.85
C LEU A 504 20.56 22.81 -28.38
N GLN A 505 20.60 23.75 -27.43
CA GLN A 505 19.39 24.50 -26.99
C GLN A 505 18.69 25.33 -28.09
N ASP A 506 19.32 25.48 -29.25
CA ASP A 506 18.63 25.94 -30.46
C ASP A 506 17.63 24.88 -31.01
N ARG A 507 18.01 23.60 -30.97
CA ARG A 507 17.13 22.50 -31.43
C ARG A 507 16.03 22.13 -30.44
N GLY A 508 16.29 22.30 -29.14
CA GLY A 508 15.31 21.94 -28.10
C GLY A 508 15.52 22.61 -26.75
N LYS A 509 14.68 22.21 -25.78
CA LYS A 509 14.78 22.69 -24.40
C LYS A 509 15.72 21.76 -23.61
N LEU A 510 16.53 22.34 -22.72
CA LEU A 510 17.73 21.68 -22.17
C LEU A 510 17.66 21.35 -20.66
N PHE A 511 18.14 20.16 -20.28
CA PHE A 511 18.12 19.70 -18.88
C PHE A 511 19.39 19.98 -18.07
N LEU A 512 20.52 20.23 -18.75
CA LEU A 512 21.82 20.52 -18.11
C LEU A 512 22.41 21.87 -18.56
N GLY A 513 23.65 22.15 -18.17
CA GLY A 513 24.39 23.29 -18.71
C GLY A 513 25.90 23.13 -18.64
N HIS A 514 26.55 24.08 -17.97
CA HIS A 514 28.01 24.26 -18.01
C HIS A 514 28.87 23.10 -17.45
N GLY A 515 28.96 22.01 -18.21
CA GLY A 515 29.82 20.87 -17.85
C GLY A 515 29.34 20.02 -16.69
N ALA A 516 28.61 18.95 -16.99
CA ALA A 516 28.17 17.94 -16.02
C ALA A 516 28.44 16.52 -16.56
N GLU A 517 28.82 15.60 -15.67
CA GLU A 517 29.20 14.23 -16.08
C GLU A 517 28.01 13.41 -16.57
N VAL A 518 28.00 13.03 -17.86
CA VAL A 518 26.88 12.27 -18.46
C VAL A 518 27.34 10.92 -19.05
N TYR A 519 26.45 10.25 -19.79
CA TYR A 519 26.77 9.00 -20.48
C TYR A 519 25.91 8.70 -21.72
N GLU A 520 26.25 7.62 -22.42
CA GLU A 520 25.50 7.21 -23.61
C GLU A 520 24.28 6.40 -23.23
N GLY A 521 23.13 6.88 -23.70
CA GLY A 521 21.81 6.49 -23.20
C GLY A 521 21.12 7.55 -22.36
N GLN A 522 21.86 8.52 -21.85
CA GLN A 522 21.31 9.53 -20.94
C GLN A 522 20.57 10.67 -21.65
N ILE A 523 19.37 10.97 -21.18
CA ILE A 523 18.50 11.96 -21.79
C ILE A 523 18.81 13.32 -21.19
N ILE A 524 18.98 14.32 -22.06
CA ILE A 524 19.54 15.61 -21.66
C ILE A 524 18.72 16.82 -22.13
N GLY A 525 17.44 16.60 -22.43
CA GLY A 525 16.57 17.66 -22.91
C GLY A 525 15.44 17.14 -23.78
N ILE A 526 14.62 18.07 -24.28
CA ILE A 526 13.44 17.77 -25.08
C ILE A 526 13.59 18.41 -26.45
N HIS A 527 13.46 17.62 -27.51
CA HIS A 527 13.38 18.18 -28.87
C HIS A 527 12.06 18.93 -29.04
N SER A 528 12.08 20.01 -29.82
CA SER A 528 10.87 20.81 -30.04
C SER A 528 9.80 20.08 -30.90
N ARG A 529 10.18 19.05 -31.64
CA ARG A 529 9.24 18.17 -32.37
C ARG A 529 9.22 16.78 -31.72
N SER A 530 8.76 15.73 -32.43
CA SER A 530 8.51 14.40 -31.83
C SER A 530 9.64 13.38 -31.97
N ASN A 531 10.41 13.48 -33.03
CA ASN A 531 11.57 12.59 -33.25
C ASN A 531 12.66 12.72 -32.17
N ASP A 532 13.25 11.59 -31.79
CA ASP A 532 14.41 11.56 -30.87
C ASP A 532 15.71 11.78 -31.65
N LEU A 533 16.49 12.78 -31.22
CA LEU A 533 17.85 13.01 -31.73
C LEU A 533 18.88 12.46 -30.74
N THR A 534 19.78 11.63 -31.24
CA THR A 534 20.88 11.09 -30.45
C THR A 534 22.14 11.91 -30.73
N VAL A 535 22.15 13.14 -30.21
CA VAL A 535 23.26 14.07 -30.46
C VAL A 535 24.48 13.77 -29.61
N ASN A 536 25.55 14.50 -29.88
CA ASN A 536 26.80 14.31 -29.15
C ASN A 536 27.10 15.49 -28.22
N CYS A 537 27.44 15.18 -26.98
CA CYS A 537 27.76 16.20 -25.98
C CYS A 537 29.25 16.25 -25.69
N LEU A 538 30.01 15.42 -26.39
CA LEU A 538 31.45 15.36 -26.21
C LEU A 538 32.15 16.51 -26.93
N THR A 539 33.39 16.28 -27.34
CA THR A 539 34.16 17.30 -28.05
C THR A 539 33.32 17.97 -29.13
N GLY A 540 33.25 19.30 -29.09
CA GLY A 540 32.49 20.06 -30.06
C GLY A 540 33.05 21.46 -30.27
N LYS A 541 34.12 21.58 -31.06
CA LYS A 541 34.76 20.45 -31.71
C LYS A 541 36.23 20.32 -31.29
N LYS A 542 37.03 21.37 -31.52
CA LYS A 542 36.56 22.62 -32.14
C LYS A 542 36.70 22.57 -33.65
N LEU A 543 36.47 23.70 -34.30
CA LEU A 543 36.57 23.79 -35.76
C LEU A 543 37.90 23.23 -36.25
N THR A 544 37.95 22.89 -37.53
CA THR A 544 39.16 22.34 -38.14
C THR A 544 39.86 23.38 -39.00
N ASN A 545 41.20 23.32 -39.09
CA ASN A 545 41.99 22.32 -38.39
C ASN A 545 42.41 22.79 -37.00
N VAL A 556 26.26 32.80 -23.64
CA VAL A 556 25.48 32.43 -22.46
C VAL A 556 24.68 31.15 -22.72
N LEU A 557 24.43 30.37 -21.65
CA LEU A 557 23.60 29.15 -21.70
C LEU A 557 22.35 29.30 -20.86
N VAL A 558 21.21 28.86 -21.41
CA VAL A 558 19.91 29.01 -20.77
C VAL A 558 19.93 28.23 -19.47
N PRO A 559 19.37 28.81 -18.38
CA PRO A 559 19.21 28.02 -17.16
C PRO A 559 18.36 26.76 -17.39
N PRO A 560 18.92 25.54 -17.12
CA PRO A 560 18.20 24.29 -17.43
C PRO A 560 16.96 23.99 -16.58
N ILE A 561 16.24 22.94 -16.95
CA ILE A 561 15.02 22.54 -16.23
C ILE A 561 15.36 21.79 -14.94
N ARG A 562 14.78 22.26 -13.83
CA ARG A 562 14.85 21.58 -12.54
C ARG A 562 13.84 20.43 -12.50
N MET A 563 14.25 19.26 -13.00
CA MET A 563 13.40 18.06 -13.03
C MET A 563 13.38 17.37 -11.66
N THR A 564 12.33 17.62 -10.87
CA THR A 564 12.12 16.92 -9.60
C THR A 564 11.74 15.46 -9.84
N LEU A 565 12.04 14.60 -8.86
CA LEU A 565 11.64 13.17 -8.93
C LEU A 565 10.20 13.06 -9.34
N GLU A 566 9.38 13.85 -8.67
CA GLU A 566 7.97 13.97 -9.02
C GLU A 566 7.86 14.00 -10.54
N GLN A 567 8.44 15.03 -11.16
CA GLN A 567 8.17 15.34 -12.57
C GLN A 567 9.05 14.62 -13.62
N ALA A 568 10.12 13.97 -13.19
CA ALA A 568 10.82 13.03 -14.06
C ALA A 568 9.93 11.80 -14.34
N LEU A 569 9.18 11.37 -13.33
CA LEU A 569 8.24 10.27 -13.49
C LEU A 569 7.07 10.60 -14.41
N GLU A 570 6.48 11.76 -14.17
CA GLU A 570 5.43 12.28 -15.02
C GLU A 570 5.98 12.60 -16.44
N PHE A 571 7.31 12.78 -16.57
CA PHE A 571 7.95 12.97 -17.88
C PHE A 571 8.11 11.73 -18.76
N ILE A 572 8.64 10.65 -18.21
CA ILE A 572 9.14 9.52 -19.03
C ILE A 572 8.12 8.79 -19.93
N ASP A 573 8.65 7.96 -20.83
CA ASP A 573 7.90 7.05 -21.71
C ASP A 573 8.26 5.58 -21.40
N ASP A 574 7.52 4.62 -21.97
CA ASP A 574 7.80 3.15 -21.85
C ASP A 574 9.25 2.76 -22.09
N ASP A 575 9.84 3.41 -23.09
CA ASP A 575 11.22 3.21 -23.49
C ASP A 575 12.19 4.18 -22.79
N GLU A 576 11.92 4.49 -21.52
CA GLU A 576 12.73 5.42 -20.72
C GLU A 576 12.65 5.02 -19.23
N LEU A 577 13.72 5.29 -18.47
CA LEU A 577 13.76 5.03 -17.03
C LEU A 577 14.27 6.23 -16.25
N VAL A 578 13.82 6.40 -15.01
CA VAL A 578 14.37 7.43 -14.13
C VAL A 578 15.28 6.73 -13.15
N GLU A 579 16.58 6.96 -13.33
CA GLU A 579 17.64 6.53 -12.42
C GLU A 579 17.70 7.60 -11.33
N VAL A 580 17.68 7.14 -10.08
CA VAL A 580 17.77 8.05 -8.93
C VAL A 580 18.87 7.66 -7.96
N THR A 581 19.62 8.67 -7.55
CA THR A 581 20.63 8.53 -6.55
C THR A 581 20.21 9.47 -5.44
N PRO A 582 20.67 9.20 -4.21
CA PRO A 582 20.38 10.11 -3.09
C PRO A 582 20.66 11.58 -3.37
N THR A 583 21.63 11.85 -4.24
CA THR A 583 22.00 13.22 -4.61
C THR A 583 21.36 13.74 -5.89
N SER A 584 21.04 12.84 -6.84
CA SER A 584 20.73 13.22 -8.22
C SER A 584 19.57 12.46 -8.88
N ILE A 585 18.89 13.16 -9.80
CA ILE A 585 17.87 12.59 -10.67
C ILE A 585 18.45 12.46 -12.06
N ARG A 586 18.40 11.25 -12.61
CA ARG A 586 18.82 11.08 -14.01
C ARG A 586 17.78 10.31 -14.78
N ILE A 587 17.71 10.64 -16.07
CA ILE A 587 16.67 10.17 -16.97
C ILE A 587 17.33 9.62 -18.25
N ARG A 588 17.06 8.35 -18.54
CA ARG A 588 17.78 7.58 -19.56
C ARG A 588 16.84 6.67 -20.32
N LYS A 589 17.27 6.24 -21.50
CA LYS A 589 16.50 5.32 -22.33
C LYS A 589 16.72 3.89 -21.80
N ARG A 590 15.69 3.05 -21.90
CA ARG A 590 15.73 1.67 -21.34
C ARG A 590 16.95 0.96 -21.89
N HIS A 591 17.01 0.95 -23.22
CA HIS A 591 18.14 0.43 -23.96
C HIS A 591 18.94 1.68 -24.26
N LEU A 592 20.27 1.59 -24.17
CA LEU A 592 21.14 2.72 -24.43
C LEU A 592 21.55 2.78 -25.89
N THR A 593 22.44 1.88 -26.29
CA THR A 593 22.91 1.82 -27.67
C THR A 593 21.75 1.94 -28.66
N GLU A 594 21.78 3.00 -29.47
CA GLU A 594 20.73 3.22 -30.45
C GLU A 594 20.40 1.94 -31.21
N ASN A 595 21.40 1.37 -31.86
CA ASN A 595 21.22 0.15 -32.62
C ASN A 595 20.53 -0.94 -31.81
N ASP A 596 20.82 -0.99 -30.52
CA ASP A 596 20.23 -1.98 -29.63
C ASP A 596 18.75 -1.68 -29.37
N ARG A 597 18.42 -0.39 -29.34
CA ARG A 597 17.05 0.04 -29.10
C ARG A 597 16.18 -0.18 -30.35
N ARG A 598 16.78 0.02 -31.51
CA ARG A 598 16.06 -0.15 -32.78
C ARG A 598 15.84 -1.63 -33.08
N ARG A 599 16.73 -2.47 -32.57
CA ARG A 599 16.63 -3.91 -32.79
C ARG A 599 15.41 -4.49 -32.08
N ALA A 600 14.76 -3.67 -31.26
CA ALA A 600 13.57 -4.11 -30.53
C ALA A 600 12.39 -3.19 -30.80
N ASN A 601 12.45 -2.49 -31.93
CA ASN A 601 11.37 -1.57 -32.32
C ASN A 601 11.67 -0.86 -33.64
N ARG A 602 11.42 -1.54 -34.76
CA ARG A 602 10.89 -2.89 -34.79
C ARG A 602 9.57 -2.99 -34.02
N ALA A 603 9.10 -4.21 -33.82
CA ALA A 603 7.84 -4.44 -33.08
C ALA A 603 7.55 -5.93 -32.79
N PRO A 604 7.22 -6.75 -33.83
CA PRO A 604 6.74 -8.12 -33.55
C PRO A 604 7.84 -9.08 -33.10
#